data_3TL3
#
_entry.id   3TL3
#
_cell.length_a   54.946
_cell.length_b   73.245
_cell.length_c   109.553
_cell.angle_alpha   90.000
_cell.angle_beta   90.000
_cell.angle_gamma   90.000
#
_symmetry.space_group_name_H-M   'P 2 21 21'
#
loop_
_entity.id
_entity.type
_entity.pdbx_description
1 polymer 'Short-chain type dehydrogenase/reductase'
2 non-polymer 'SODIUM ION'
3 water water
#
_entity_poly.entity_id   1
_entity_poly.type   'polypeptide(L)'
_entity_poly.pdbx_seq_one_letter_code
;GPGSMEIRDAVAVVTGGASGLGLATTKRLLDAGAQVVVLDIRGEDVVADLGDRARFAAADVTDEAAVASALDLAETMGTL
RIVVNCAGTGNAIRVLSRDGVFSLAAFRKIVDINLVGSFNVLRLAAERIAKTEPVGPNAEERGVIINTASVAAFDGQIGQ
AAYSASKGGVVGMTLPIARDLASHRIRVMTIAPGLFDTPLLASLPEEARASLGKQVPHPSRLGNPDEYGALAVHIIENPM
LNGEVIRLDGAIRMAPR
;
_entity_poly.pdbx_strand_id   A,B
#
# COMPACT_ATOMS: atom_id res chain seq x y z
N ALA A 10 -3.28 -16.50 -28.04
CA ALA A 10 -3.24 -15.73 -26.76
C ALA A 10 -3.56 -16.59 -25.54
N VAL A 11 -2.70 -16.53 -24.54
CA VAL A 11 -2.94 -17.20 -23.26
C VAL A 11 -3.01 -16.18 -22.13
N ALA A 12 -3.94 -16.38 -21.20
CA ALA A 12 -4.04 -15.57 -20.01
C ALA A 12 -3.69 -16.38 -18.77
N VAL A 13 -3.17 -15.70 -17.76
CA VAL A 13 -3.06 -16.26 -16.43
C VAL A 13 -4.02 -15.43 -15.58
N VAL A 14 -4.97 -16.11 -14.94
CA VAL A 14 -5.87 -15.45 -13.99
C VAL A 14 -5.62 -15.99 -12.61
N THR A 15 -5.06 -15.15 -11.73
CA THR A 15 -4.85 -15.56 -10.35
C THR A 15 -6.17 -15.43 -9.60
N GLY A 16 -6.36 -16.33 -8.65
CA GLY A 16 -7.66 -16.49 -7.99
C GLY A 16 -8.72 -16.92 -8.99
N GLY A 17 -8.29 -17.57 -10.07
CA GLY A 17 -9.16 -17.87 -11.19
C GLY A 17 -10.21 -18.93 -10.98
N ALA A 18 -10.20 -19.63 -9.85
CA ALA A 18 -11.12 -20.76 -9.59
C ALA A 18 -12.40 -20.37 -8.85
N SER A 19 -12.52 -19.10 -8.46
CA SER A 19 -13.73 -18.63 -7.80
C SER A 19 -13.97 -17.13 -8.05
N GLY A 20 -15.20 -16.72 -7.81
CA GLY A 20 -15.53 -15.30 -7.73
C GLY A 20 -15.14 -14.48 -8.96
N LEU A 21 -14.50 -13.34 -8.70
CA LEU A 21 -14.08 -12.43 -9.77
C LEU A 21 -13.14 -13.11 -10.77
N GLY A 22 -12.21 -13.91 -10.26
CA GLY A 22 -11.27 -14.58 -11.12
C GLY A 22 -11.93 -15.60 -12.04
N LEU A 23 -12.86 -16.37 -11.50
CA LEU A 23 -13.60 -17.34 -12.32
C LEU A 23 -14.44 -16.66 -13.40
N ALA A 24 -15.15 -15.60 -13.03
CA ALA A 24 -15.96 -14.87 -13.99
C ALA A 24 -15.11 -14.30 -15.11
N THR A 25 -13.93 -13.79 -14.76
CA THR A 25 -12.96 -13.34 -15.74
C THR A 25 -12.46 -14.46 -16.67
N THR A 26 -12.09 -15.58 -16.06
CA THR A 26 -11.63 -16.76 -16.82
C THR A 26 -12.68 -17.18 -17.84
N LYS A 27 -13.94 -17.28 -17.41
CA LYS A 27 -15.03 -17.64 -18.32
C LYS A 27 -15.15 -16.66 -19.49
N ARG A 28 -15.09 -15.36 -19.21
CA ARG A 28 -15.18 -14.36 -20.28
C ARG A 28 -14.03 -14.48 -21.27
N LEU A 29 -12.85 -14.77 -20.73
CA LEU A 29 -11.64 -14.92 -21.53
C LEU A 29 -11.73 -16.15 -22.40
N LEU A 30 -12.23 -17.24 -21.85
CA LEU A 30 -12.41 -18.46 -22.62
C LEU A 30 -13.39 -18.21 -23.78
N ASP A 31 -14.47 -17.50 -23.52
CA ASP A 31 -15.45 -17.18 -24.57
C ASP A 31 -14.89 -16.22 -25.65
N ALA A 32 -13.91 -15.41 -25.26
CA ALA A 32 -13.26 -14.48 -26.20
C ALA A 32 -12.13 -15.14 -27.02
N GLY A 33 -11.80 -16.39 -26.71
CA GLY A 33 -10.85 -17.17 -27.52
C GLY A 33 -9.46 -17.34 -26.90
N ALA A 34 -9.26 -16.81 -25.69
CA ALA A 34 -7.99 -17.02 -24.99
C ALA A 34 -7.98 -18.40 -24.37
N GLN A 35 -6.80 -18.99 -24.24
CA GLN A 35 -6.63 -20.11 -23.31
C GLN A 35 -6.28 -19.47 -21.96
N VAL A 36 -6.61 -20.15 -20.87
CA VAL A 36 -6.40 -19.60 -19.55
C VAL A 36 -5.73 -20.61 -18.63
N VAL A 37 -4.64 -20.17 -17.99
CA VAL A 37 -4.09 -20.81 -16.80
C VAL A 37 -4.75 -20.19 -15.57
N VAL A 38 -5.50 -21.00 -14.85
CA VAL A 38 -6.08 -20.62 -13.56
C VAL A 38 -5.02 -20.88 -12.47
N LEU A 39 -4.53 -19.80 -11.87
CA LEU A 39 -3.53 -19.87 -10.85
C LEU A 39 -4.26 -19.65 -9.54
N ASP A 40 -4.29 -20.67 -8.69
CA ASP A 40 -5.08 -20.59 -7.46
C ASP A 40 -4.55 -21.62 -6.45
N ILE A 41 -5.07 -21.61 -5.23
CA ILE A 41 -4.58 -22.51 -4.20
C ILE A 41 -5.35 -23.83 -4.26
N ARG A 42 -6.50 -23.81 -4.93
CA ARG A 42 -7.26 -25.00 -5.21
C ARG A 42 -8.22 -24.70 -6.36
N GLY A 43 -8.99 -25.71 -6.75
CA GLY A 43 -10.02 -25.55 -7.78
C GLY A 43 -9.81 -26.43 -9.00
N GLU A 44 -9.12 -27.56 -8.82
CA GLU A 44 -8.89 -28.48 -9.90
C GLU A 44 -10.21 -28.92 -10.57
N ASP A 45 -11.22 -29.21 -9.77
CA ASP A 45 -12.53 -29.64 -10.33
C ASP A 45 -13.20 -28.52 -11.14
N VAL A 46 -13.15 -27.31 -10.62
CA VAL A 46 -13.69 -26.13 -11.32
C VAL A 46 -13.02 -26.00 -12.69
N VAL A 47 -11.70 -26.10 -12.71
CA VAL A 47 -10.96 -25.93 -13.95
C VAL A 47 -11.21 -27.09 -14.92
N ALA A 48 -11.35 -28.30 -14.40
CA ALA A 48 -11.75 -29.44 -15.22
C ALA A 48 -13.09 -29.19 -15.93
N ASP A 49 -14.06 -28.65 -15.19
CA ASP A 49 -15.40 -28.32 -15.72
C ASP A 49 -15.34 -27.21 -16.80
N LEU A 50 -14.27 -26.41 -16.78
CA LEU A 50 -14.08 -25.36 -17.79
C LEU A 50 -13.62 -25.90 -19.15
N GLY A 51 -13.15 -27.14 -19.21
CA GLY A 51 -12.80 -27.77 -20.47
C GLY A 51 -11.39 -27.49 -20.93
N ASP A 52 -11.08 -27.91 -22.16
CA ASP A 52 -9.71 -28.14 -22.60
C ASP A 52 -8.85 -26.90 -22.80
N ARG A 53 -9.46 -25.73 -22.81
CA ARG A 53 -8.69 -24.50 -23.01
C ARG A 53 -8.35 -23.79 -21.70
N ALA A 54 -8.69 -24.43 -20.57
CA ALA A 54 -8.30 -24.00 -19.24
C ALA A 54 -7.41 -25.07 -18.59
N ARG A 55 -6.33 -24.63 -17.94
CA ARG A 55 -5.48 -25.54 -17.16
C ARG A 55 -5.23 -24.94 -15.77
N PHE A 56 -4.97 -25.80 -14.80
CA PHE A 56 -4.83 -25.39 -13.40
C PHE A 56 -3.38 -25.41 -12.98
N ALA A 57 -2.94 -24.33 -12.32
CA ALA A 57 -1.62 -24.26 -11.66
C ALA A 57 -1.83 -23.89 -10.20
N ALA A 58 -1.41 -24.79 -9.31
CA ALA A 58 -1.48 -24.56 -7.88
C ALA A 58 -0.34 -23.61 -7.48
N ALA A 59 -0.69 -22.46 -6.93
CA ALA A 59 0.35 -21.53 -6.53
C ALA A 59 -0.17 -20.51 -5.56
N ASP A 60 0.67 -20.19 -4.58
CA ASP A 60 0.55 -19.00 -3.76
CA ASP A 60 0.50 -18.99 -3.79
C ASP A 60 1.18 -17.87 -4.56
N VAL A 61 0.48 -16.75 -4.72
CA VAL A 61 0.97 -15.63 -5.55
C VAL A 61 2.25 -14.98 -5.00
N THR A 62 2.58 -15.23 -3.73
CA THR A 62 3.84 -14.73 -3.14
C THR A 62 5.02 -15.71 -3.30
N ASP A 63 4.75 -16.88 -3.89
CA ASP A 63 5.77 -17.93 -4.04
C ASP A 63 6.37 -17.81 -5.45
N GLU A 64 7.63 -17.34 -5.54
CA GLU A 64 8.23 -17.06 -6.85
C GLU A 64 8.33 -18.31 -7.73
N ALA A 65 8.73 -19.45 -7.16
CA ALA A 65 8.90 -20.68 -7.95
C ALA A 65 7.56 -21.19 -8.48
N ALA A 66 6.52 -21.13 -7.65
CA ALA A 66 5.20 -21.63 -8.04
C ALA A 66 4.57 -20.73 -9.09
N VAL A 67 4.78 -19.42 -8.97
CA VAL A 67 4.26 -18.50 -9.99
C VAL A 67 5.01 -18.70 -11.29
N ALA A 68 6.33 -18.85 -11.21
CA ALA A 68 7.15 -19.12 -12.38
C ALA A 68 6.63 -20.36 -13.12
N SER A 69 6.24 -21.39 -12.39
CA SER A 69 5.75 -22.62 -13.01
C SER A 69 4.39 -22.43 -13.66
N ALA A 70 3.55 -21.56 -13.09
CA ALA A 70 2.27 -21.26 -13.71
C ALA A 70 2.51 -20.53 -15.03
N LEU A 71 3.49 -19.63 -15.03
CA LEU A 71 3.86 -18.93 -16.26
C LEU A 71 4.45 -19.88 -17.32
N ASP A 72 5.29 -20.81 -16.88
CA ASP A 72 5.82 -21.87 -17.76
C ASP A 72 4.67 -22.66 -18.40
N LEU A 73 3.67 -22.99 -17.60
CA LEU A 73 2.53 -23.71 -18.13
C LEU A 73 1.84 -22.89 -19.21
N ALA A 74 1.56 -21.61 -18.92
CA ALA A 74 0.94 -20.71 -19.90
C ALA A 74 1.73 -20.68 -21.22
N GLU A 75 3.05 -20.54 -21.12
CA GLU A 75 3.87 -20.46 -22.31
C GLU A 75 3.99 -21.81 -23.04
N THR A 76 3.66 -22.91 -22.38
CA THR A 76 3.55 -24.22 -23.05
C THR A 76 2.31 -24.25 -23.94
N MET A 77 1.25 -23.62 -23.48
CA MET A 77 -0.05 -23.65 -24.17
C MET A 77 -0.10 -22.72 -25.37
N GLY A 78 0.64 -21.63 -25.32
CA GLY A 78 0.62 -20.64 -26.39
C GLY A 78 1.43 -19.43 -26.00
N THR A 79 1.08 -18.28 -26.55
CA THR A 79 1.82 -17.04 -26.27
C THR A 79 1.15 -16.29 -25.13
N LEU A 80 1.88 -16.06 -24.05
CA LEU A 80 1.32 -15.40 -22.87
C LEU A 80 1.20 -13.90 -23.13
N ARG A 81 -0.02 -13.38 -23.07
CA ARG A 81 -0.28 -11.95 -23.31
C ARG A 81 -1.08 -11.23 -22.24
N ILE A 82 -1.74 -11.98 -21.37
CA ILE A 82 -2.72 -11.37 -20.45
C ILE A 82 -2.50 -11.91 -19.04
N VAL A 83 -2.52 -11.02 -18.06
CA VAL A 83 -2.58 -11.44 -16.65
C VAL A 83 -3.66 -10.67 -15.94
N VAL A 84 -4.51 -11.36 -15.19
CA VAL A 84 -5.48 -10.69 -14.35
C VAL A 84 -5.28 -11.23 -12.93
N ASN A 85 -4.91 -10.33 -12.03
CA ASN A 85 -4.62 -10.69 -10.65
C ASN A 85 -5.85 -10.50 -9.76
N CYS A 86 -6.55 -11.59 -9.47
CA CYS A 86 -7.74 -11.59 -8.62
C CYS A 86 -7.52 -12.34 -7.30
N ALA A 87 -6.28 -12.77 -7.03
CA ALA A 87 -5.98 -13.57 -5.85
C ALA A 87 -6.31 -12.83 -4.56
N GLY A 88 -6.12 -11.52 -4.53
CA GLY A 88 -6.50 -10.70 -3.39
C GLY A 88 -7.96 -10.72 -2.96
N THR A 89 -8.84 -11.22 -3.84
CA THR A 89 -10.27 -11.28 -3.56
C THR A 89 -10.78 -12.73 -3.46
N GLY A 90 -9.92 -13.72 -3.70
CA GLY A 90 -10.36 -15.09 -3.87
C GLY A 90 -10.05 -16.04 -2.73
N ASN A 91 -9.82 -17.30 -3.09
CA ASN A 91 -9.59 -18.40 -2.13
C ASN A 91 -8.49 -18.06 -1.15
N ALA A 92 -7.43 -17.46 -1.69
CA ALA A 92 -6.24 -17.08 -0.92
C ALA A 92 -6.49 -16.17 0.29
N ILE A 93 -7.44 -15.23 0.24
CA ILE A 93 -7.76 -14.40 1.44
C ILE A 93 -8.86 -15.00 2.36
N ARG A 94 -9.42 -16.14 1.98
CA ARG A 94 -10.52 -16.74 2.77
C ARG A 94 -10.08 -17.01 4.20
N VAL A 95 -8.97 -17.75 4.36
CA VAL A 95 -8.45 -18.09 5.68
C VAL A 95 -7.88 -16.87 6.39
N LEU A 96 -7.14 -16.03 5.64
CA LEU A 96 -6.56 -14.80 6.20
C LEU A 96 -7.64 -13.87 6.77
N SER A 97 -8.91 -14.19 6.49
CA SER A 97 -10.04 -13.37 6.91
C SER A 97 -11.17 -14.13 7.62
N ARG A 98 -11.25 -15.45 7.41
CA ARG A 98 -12.40 -16.21 7.91
C ARG A 98 -12.67 -15.98 9.39
N ASP A 99 -11.63 -15.97 10.20
CA ASP A 99 -11.83 -15.82 11.64
C ASP A 99 -11.65 -14.37 12.10
N GLY A 100 -11.57 -13.46 11.13
CA GLY A 100 -11.54 -12.01 11.42
C GLY A 100 -10.12 -11.45 11.38
N VAL A 101 -10.00 -10.12 11.39
CA VAL A 101 -8.71 -9.46 11.23
C VAL A 101 -8.52 -8.52 12.44
N PHE A 102 -7.91 -9.03 13.50
CA PHE A 102 -7.85 -8.32 14.78
C PHE A 102 -6.44 -8.20 15.34
N SER A 103 -5.43 -8.34 14.48
CA SER A 103 -4.03 -8.31 14.92
C SER A 103 -3.13 -7.65 13.88
N LEU A 104 -1.99 -7.18 14.36
CA LEU A 104 -0.96 -6.62 13.48
C LEU A 104 -0.44 -7.72 12.55
N ALA A 105 -0.36 -8.96 13.03
CA ALA A 105 0.09 -10.06 12.17
C ALA A 105 -0.90 -10.33 11.01
N ALA A 106 -2.20 -10.24 11.29
CA ALA A 106 -3.24 -10.37 10.24
C ALA A 106 -3.14 -9.24 9.20
N PHE A 107 -3.00 -8.01 9.68
CA PHE A 107 -2.83 -6.85 8.81
C PHE A 107 -1.68 -7.10 7.84
N ARG A 108 -0.57 -7.58 8.39
CA ARG A 108 0.62 -7.82 7.60
C ARG A 108 0.40 -8.87 6.49
N LYS A 109 -0.25 -9.97 6.84
CA LYS A 109 -0.50 -11.06 5.92
C LYS A 109 -1.40 -10.61 4.75
N ILE A 110 -2.39 -9.77 5.06
CA ILE A 110 -3.29 -9.25 4.05
C ILE A 110 -2.54 -8.30 3.10
N VAL A 111 -1.76 -7.39 3.66
CA VAL A 111 -0.91 -6.49 2.87
C VAL A 111 0.06 -7.30 1.99
N ASP A 112 0.61 -8.37 2.55
CA ASP A 112 1.57 -9.18 1.83
C ASP A 112 0.97 -9.76 0.57
N ILE A 113 -0.13 -10.51 0.70
CA ILE A 113 -0.79 -11.12 -0.46
C ILE A 113 -1.19 -10.08 -1.50
N ASN A 114 -1.73 -8.96 -1.06
CA ASN A 114 -2.14 -7.92 -2.00
C ASN A 114 -1.02 -7.17 -2.71
N LEU A 115 -0.08 -6.60 -1.95
CA LEU A 115 1.00 -5.82 -2.53
C LEU A 115 2.11 -6.72 -3.06
N VAL A 116 2.62 -7.59 -2.21
CA VAL A 116 3.73 -8.45 -2.61
C VAL A 116 3.27 -9.46 -3.67
N GLY A 117 2.11 -10.05 -3.44
CA GLY A 117 1.52 -10.99 -4.39
C GLY A 117 1.30 -10.41 -5.75
N SER A 118 0.67 -9.22 -5.80
CA SER A 118 0.45 -8.56 -7.08
CA SER A 118 0.46 -8.47 -7.04
C SER A 118 1.77 -8.13 -7.73
N PHE A 119 2.73 -7.64 -6.94
CA PHE A 119 4.02 -7.25 -7.50
C PHE A 119 4.74 -8.48 -8.05
N ASN A 120 4.71 -9.58 -7.29
CA ASN A 120 5.39 -10.80 -7.74
C ASN A 120 4.84 -11.30 -9.10
N VAL A 121 3.52 -11.41 -9.18
CA VAL A 121 2.87 -11.86 -10.40
C VAL A 121 3.16 -10.91 -11.58
N LEU A 122 3.00 -9.62 -11.35
CA LEU A 122 3.25 -8.63 -12.38
C LEU A 122 4.71 -8.65 -12.87
N ARG A 123 5.65 -8.61 -11.93
CA ARG A 123 7.07 -8.53 -12.29
C ARG A 123 7.48 -9.77 -13.11
N LEU A 124 7.09 -10.97 -12.65
CA LEU A 124 7.42 -12.19 -13.37
C LEU A 124 6.67 -12.34 -14.71
N ALA A 125 5.39 -11.99 -14.74
CA ALA A 125 4.61 -12.02 -15.98
C ALA A 125 5.20 -11.08 -17.03
N ALA A 126 5.56 -9.87 -16.58
CA ALA A 126 6.05 -8.82 -17.48
C ALA A 126 7.33 -9.25 -18.18
N GLU A 127 8.19 -9.93 -17.43
CA GLU A 127 9.44 -10.49 -17.97
C GLU A 127 9.17 -11.43 -19.14
N ARG A 128 8.14 -12.27 -19.03
CA ARG A 128 7.78 -13.18 -20.13
C ARG A 128 7.12 -12.42 -21.29
N ILE A 129 6.17 -11.57 -20.94
CA ILE A 129 5.39 -10.87 -21.98
C ILE A 129 6.27 -9.92 -22.80
N ALA A 130 7.27 -9.33 -22.16
CA ALA A 130 8.17 -8.38 -22.82
C ALA A 130 8.93 -9.06 -23.98
N LYS A 131 9.06 -10.38 -23.92
CA LYS A 131 9.83 -11.14 -24.91
C LYS A 131 9.02 -11.65 -26.10
N THR A 132 7.71 -11.44 -26.08
CA THR A 132 6.84 -11.88 -27.15
C THR A 132 6.92 -10.87 -28.31
N GLU A 133 6.47 -11.29 -29.50
CA GLU A 133 6.31 -10.39 -30.64
C GLU A 133 5.00 -9.61 -30.47
N PRO A 134 5.00 -8.30 -30.81
CA PRO A 134 3.72 -7.53 -30.77
C PRO A 134 2.68 -8.06 -31.74
N VAL A 135 1.40 -7.87 -31.41
CA VAL A 135 0.29 -8.14 -32.34
C VAL A 135 -0.29 -6.80 -32.77
N ASN A 138 -1.96 -2.87 -34.89
CA ASN A 138 -0.89 -2.60 -35.85
C ASN A 138 0.52 -2.94 -35.32
N ALA A 139 0.66 -4.13 -34.74
CA ALA A 139 1.93 -4.55 -34.12
C ALA A 139 2.19 -3.65 -32.93
N GLU A 140 1.11 -3.22 -32.31
CA GLU A 140 1.15 -2.19 -31.28
C GLU A 140 1.33 -2.72 -29.85
N GLU A 141 0.79 -3.91 -29.58
CA GLU A 141 0.69 -4.43 -28.20
C GLU A 141 1.40 -5.76 -28.01
N ARG A 142 2.14 -5.91 -26.92
CA ARG A 142 2.59 -7.23 -26.49
C ARG A 142 1.62 -7.87 -25.52
N GLY A 143 1.04 -7.08 -24.62
CA GLY A 143 0.20 -7.66 -23.59
C GLY A 143 -0.38 -6.66 -22.64
N VAL A 144 -1.12 -7.18 -21.67
CA VAL A 144 -1.88 -6.37 -20.71
C VAL A 144 -1.90 -7.10 -19.38
N ILE A 145 -1.62 -6.37 -18.31
CA ILE A 145 -1.68 -6.90 -16.94
C ILE A 145 -2.69 -6.06 -16.19
N ILE A 146 -3.68 -6.71 -15.58
CA ILE A 146 -4.69 -6.05 -14.78
C ILE A 146 -4.59 -6.52 -13.33
N ASN A 147 -4.53 -5.56 -12.42
CA ASN A 147 -4.56 -5.82 -10.99
C ASN A 147 -5.93 -5.54 -10.41
N THR A 148 -6.21 -6.13 -9.25
CA THR A 148 -7.44 -5.87 -8.51
C THR A 148 -7.08 -5.22 -7.19
N ALA A 149 -7.70 -4.07 -6.91
CA ALA A 149 -7.35 -3.31 -5.69
C ALA A 149 -8.26 -3.70 -4.52
N SER A 150 -7.92 -4.82 -3.87
CA SER A 150 -8.64 -5.40 -2.70
C SER A 150 -10.15 -5.11 -2.53
N VAL A 151 -10.92 -6.16 -2.30
CA VAL A 151 -12.34 -6.06 -1.89
C VAL A 151 -12.43 -5.89 -0.37
N ALA A 152 -13.42 -5.14 0.10
CA ALA A 152 -13.53 -4.87 1.55
C ALA A 152 -14.09 -6.07 2.30
N ASP A 155 -16.19 -6.15 9.47
CA ASP A 155 -14.76 -6.44 9.39
C ASP A 155 -13.93 -5.76 10.50
N GLY A 156 -14.32 -4.55 10.91
CA GLY A 156 -13.70 -3.89 12.05
C GLY A 156 -12.54 -3.00 11.63
N GLN A 157 -11.96 -2.29 12.59
CA GLN A 157 -11.02 -1.23 12.28
C GLN A 157 -9.72 -1.73 11.66
N ILE A 158 -9.13 -2.79 12.19
CA ILE A 158 -7.85 -3.27 11.63
C ILE A 158 -8.09 -3.86 10.23
N GLY A 159 -9.22 -4.56 10.10
CA GLY A 159 -9.68 -5.04 8.79
C GLY A 159 -9.87 -3.92 7.79
N GLN A 160 -10.46 -2.81 8.26
CA GLN A 160 -10.65 -1.66 7.39
C GLN A 160 -9.28 -1.10 6.96
N ALA A 161 -8.32 -1.04 7.89
CA ALA A 161 -6.98 -0.52 7.59
C ALA A 161 -6.23 -1.42 6.62
N ALA A 162 -6.29 -2.74 6.83
CA ALA A 162 -5.59 -3.66 5.92
C ALA A 162 -6.14 -3.55 4.49
N TYR A 163 -7.47 -3.49 4.37
CA TYR A 163 -8.14 -3.28 3.08
C TYR A 163 -7.69 -2.00 2.41
N SER A 164 -7.73 -0.91 3.19
CA SER A 164 -7.47 0.41 2.63
CA SER A 164 -7.48 0.41 2.63
C SER A 164 -6.00 0.56 2.23
N ALA A 165 -5.09 0.01 3.05
CA ALA A 165 -3.67 0.02 2.71
C ALA A 165 -3.36 -0.84 1.47
N SER A 166 -3.98 -2.02 1.40
CA SER A 166 -3.80 -2.94 0.26
C SER A 166 -4.30 -2.31 -1.03
N LYS A 167 -5.52 -1.80 -0.97
CA LYS A 167 -6.09 -1.07 -2.09
C LYS A 167 -5.21 0.10 -2.51
N GLY A 168 -4.84 0.93 -1.54
CA GLY A 168 -3.94 2.04 -1.81
C GLY A 168 -2.63 1.65 -2.48
N GLY A 169 -2.02 0.56 -2.03
CA GLY A 169 -0.74 0.15 -2.55
C GLY A 169 -0.84 -0.32 -4.00
N VAL A 170 -1.87 -1.10 -4.29
CA VAL A 170 -2.11 -1.57 -5.65
C VAL A 170 -2.41 -0.39 -6.59
N VAL A 171 -3.29 0.51 -6.17
CA VAL A 171 -3.50 1.77 -6.87
C VAL A 171 -2.17 2.51 -7.09
N GLY A 172 -1.39 2.66 -6.02
CA GLY A 172 -0.16 3.44 -6.08
C GLY A 172 0.84 2.93 -7.12
N MET A 173 0.89 1.61 -7.28
CA MET A 173 1.83 1.01 -8.25
C MET A 173 1.39 1.12 -9.70
N THR A 174 0.11 1.43 -9.94
CA THR A 174 -0.45 1.23 -11.28
C THR A 174 0.21 2.10 -12.32
N LEU A 175 0.20 3.42 -12.11
CA LEU A 175 0.79 4.35 -13.08
C LEU A 175 2.31 4.22 -13.21
N PRO A 176 3.05 4.16 -12.09
CA PRO A 176 4.53 4.01 -12.23
C PRO A 176 4.93 2.76 -13.01
N ILE A 177 4.25 1.65 -12.75
CA ILE A 177 4.57 0.42 -13.46
C ILE A 177 4.14 0.50 -14.94
N ALA A 178 2.98 1.11 -15.21
CA ALA A 178 2.54 1.34 -16.59
C ALA A 178 3.62 2.12 -17.32
N ARG A 179 4.16 3.13 -16.67
CA ARG A 179 5.21 3.95 -17.29
C ARG A 179 6.47 3.17 -17.57
N ASP A 180 6.86 2.32 -16.65
CA ASP A 180 8.06 1.49 -16.79
C ASP A 180 7.91 0.49 -17.92
N LEU A 181 6.69 -0.05 -18.09
CA LEU A 181 6.45 -1.10 -19.08
C LEU A 181 6.03 -0.57 -20.45
N ALA A 182 5.82 0.74 -20.56
CA ALA A 182 5.37 1.33 -21.80
C ALA A 182 6.30 1.00 -22.97
N SER A 183 7.60 1.05 -22.73
CA SER A 183 8.56 0.81 -23.81
C SER A 183 8.49 -0.65 -24.27
N HIS A 184 7.97 -1.53 -23.40
CA HIS A 184 7.76 -2.94 -23.73
C HIS A 184 6.38 -3.26 -24.28
N ARG A 185 5.53 -2.24 -24.42
CA ARG A 185 4.23 -2.38 -25.02
C ARG A 185 3.34 -3.30 -24.18
N ILE A 186 3.40 -3.12 -22.87
CA ILE A 186 2.55 -3.87 -21.94
C ILE A 186 1.80 -2.85 -21.14
N ARG A 187 0.49 -2.86 -21.25
CA ARG A 187 -0.35 -1.97 -20.48
C ARG A 187 -0.54 -2.55 -19.11
N VAL A 188 -0.73 -1.65 -18.15
CA VAL A 188 -0.95 -1.98 -16.76
C VAL A 188 -2.17 -1.19 -16.28
N MET A 189 -3.17 -1.92 -15.81
CA MET A 189 -4.45 -1.32 -15.38
C MET A 189 -4.89 -1.95 -14.08
N THR A 190 -5.75 -1.25 -13.36
CA THR A 190 -6.27 -1.76 -12.09
C THR A 190 -7.76 -1.57 -12.05
N ILE A 191 -8.46 -2.60 -11.59
CA ILE A 191 -9.88 -2.50 -11.28
C ILE A 191 -10.03 -2.49 -9.76
N ALA A 192 -10.83 -1.56 -9.26
CA ALA A 192 -11.08 -1.41 -7.82
C ALA A 192 -12.53 -1.74 -7.55
N PRO A 193 -12.84 -3.01 -7.27
CA PRO A 193 -14.25 -3.36 -7.11
C PRO A 193 -14.81 -3.00 -5.74
N GLY A 194 -16.10 -2.71 -5.72
CA GLY A 194 -16.83 -2.52 -4.48
C GLY A 194 -17.30 -3.86 -3.95
N LEU A 195 -18.49 -3.86 -3.39
CA LEU A 195 -19.09 -5.06 -2.79
C LEU A 195 -19.56 -6.02 -3.88
N PHE A 196 -18.92 -7.18 -4.01
CA PHE A 196 -19.36 -8.19 -4.98
C PHE A 196 -19.88 -9.49 -4.35
N ASP A 197 -20.77 -10.17 -5.08
CA ASP A 197 -21.33 -11.44 -4.65
C ASP A 197 -20.42 -12.58 -5.07
N THR A 198 -19.50 -12.94 -4.17
CA THR A 198 -18.58 -14.04 -4.38
C THR A 198 -18.75 -15.01 -3.20
N PRO A 199 -18.33 -16.29 -3.35
CA PRO A 199 -18.35 -17.25 -2.24
C PRO A 199 -17.73 -16.74 -0.92
N LEU A 200 -16.85 -15.75 -1.01
CA LEU A 200 -16.25 -15.09 0.15
C LEU A 200 -17.26 -14.64 1.20
N LEU A 201 -18.31 -13.92 0.78
CA LEU A 201 -19.39 -13.53 1.71
C LEU A 201 -19.72 -14.67 2.67
N PRO A 205 -25.41 -15.24 5.53
CA PRO A 205 -26.86 -15.40 5.41
C PRO A 205 -27.49 -14.40 4.45
N GLU A 206 -28.58 -14.80 3.80
CA GLU A 206 -29.26 -13.95 2.79
C GLU A 206 -29.60 -12.54 3.31
N GLU A 207 -30.04 -12.46 4.57
CA GLU A 207 -30.36 -11.17 5.19
C GLU A 207 -29.12 -10.27 5.31
N ALA A 208 -28.01 -10.86 5.73
CA ALA A 208 -26.74 -10.14 5.88
C ALA A 208 -26.18 -9.68 4.53
N ARG A 209 -26.25 -10.56 3.53
CA ARG A 209 -25.89 -10.21 2.15
C ARG A 209 -26.84 -9.16 1.57
N ALA A 210 -28.11 -9.21 2.00
CA ALA A 210 -29.10 -8.20 1.61
C ALA A 210 -28.74 -6.81 2.14
N SER A 211 -28.32 -6.72 3.39
CA SER A 211 -27.98 -5.44 4.02
C SER A 211 -26.79 -4.78 3.35
N LEU A 212 -25.77 -5.58 3.02
CA LEU A 212 -24.61 -5.06 2.30
C LEU A 212 -25.01 -4.43 0.97
N GLY A 213 -25.84 -5.15 0.21
CA GLY A 213 -26.32 -4.66 -1.09
C GLY A 213 -26.97 -3.29 -1.01
N LYS A 214 -27.80 -3.09 0.01
CA LYS A 214 -28.54 -1.83 0.21
C LYS A 214 -27.67 -0.58 0.43
N GLN A 215 -26.43 -0.71 0.89
CA GLN A 215 -25.61 0.49 1.06
C GLN A 215 -24.90 0.95 -0.23
N VAL A 216 -25.08 0.21 -1.31
CA VAL A 216 -24.57 0.64 -2.61
C VAL A 216 -25.62 1.60 -3.22
N PRO A 217 -25.19 2.79 -3.66
CA PRO A 217 -26.19 3.76 -4.16
C PRO A 217 -27.00 3.27 -5.34
N HIS A 218 -26.33 2.79 -6.38
CA HIS A 218 -27.03 2.35 -7.58
C HIS A 218 -26.04 1.74 -8.53
N PRO A 219 -26.26 0.47 -8.90
CA PRO A 219 -27.37 -0.41 -8.49
C PRO A 219 -27.21 -0.81 -7.02
N SER A 220 -28.31 -0.84 -6.27
CA SER A 220 -28.25 -1.10 -4.83
CA SER A 220 -28.25 -1.10 -4.83
C SER A 220 -28.33 -2.59 -4.58
N ARG A 221 -27.25 -3.27 -4.97
CA ARG A 221 -27.15 -4.70 -4.86
C ARG A 221 -25.69 -5.03 -4.93
N LEU A 222 -25.34 -6.25 -4.54
CA LEU A 222 -24.00 -6.75 -4.72
C LEU A 222 -23.69 -6.81 -6.23
N GLY A 223 -22.45 -6.51 -6.59
CA GLY A 223 -21.98 -6.70 -7.96
C GLY A 223 -21.98 -8.17 -8.33
N ASN A 224 -22.27 -8.45 -9.59
CA ASN A 224 -22.17 -9.78 -10.21
C ASN A 224 -20.75 -9.96 -10.70
N PRO A 225 -20.05 -11.04 -10.29
CA PRO A 225 -18.69 -11.23 -10.79
C PRO A 225 -18.53 -11.07 -12.31
N ASP A 226 -19.55 -11.44 -13.08
CA ASP A 226 -19.54 -11.21 -14.53
C ASP A 226 -19.34 -9.74 -14.91
N GLU A 227 -19.78 -8.81 -14.07
CA GLU A 227 -19.57 -7.40 -14.37
C GLU A 227 -18.08 -7.02 -14.25
N TYR A 228 -17.40 -7.67 -13.32
CA TYR A 228 -15.95 -7.51 -13.23
C TYR A 228 -15.29 -8.11 -14.47
N GLY A 229 -15.69 -9.31 -14.83
CA GLY A 229 -15.09 -9.98 -15.96
C GLY A 229 -15.28 -9.22 -17.25
N ALA A 230 -16.47 -8.66 -17.43
CA ALA A 230 -16.77 -7.84 -18.62
C ALA A 230 -15.87 -6.60 -18.71
N LEU A 231 -15.63 -5.94 -17.59
CA LEU A 231 -14.71 -4.80 -17.57
C LEU A 231 -13.27 -5.23 -17.90
N ALA A 232 -12.83 -6.35 -17.32
CA ALA A 232 -11.48 -6.85 -17.59
C ALA A 232 -11.28 -7.09 -19.09
N VAL A 233 -12.27 -7.73 -19.73
CA VAL A 233 -12.20 -7.96 -21.17
C VAL A 233 -12.23 -6.65 -21.96
N HIS A 234 -13.06 -5.69 -21.53
CA HIS A 234 -13.05 -4.40 -22.20
C HIS A 234 -11.69 -3.75 -22.13
N ILE A 235 -11.04 -3.82 -20.97
CA ILE A 235 -9.72 -3.22 -20.79
C ILE A 235 -8.75 -3.87 -21.79
N ILE A 236 -8.84 -5.20 -21.88
CA ILE A 236 -7.99 -5.95 -22.81
C ILE A 236 -8.20 -5.51 -24.24
N GLU A 237 -9.46 -5.27 -24.59
CA GLU A 237 -9.86 -4.91 -25.96
C GLU A 237 -9.75 -3.42 -26.32
N ASN A 238 -9.44 -2.57 -25.34
CA ASN A 238 -9.36 -1.11 -25.57
C ASN A 238 -7.93 -0.62 -25.42
N PRO A 239 -7.22 -0.46 -26.54
CA PRO A 239 -5.79 -0.17 -26.49
C PRO A 239 -5.43 1.09 -25.72
N MET A 240 -6.37 2.02 -25.57
CA MET A 240 -6.01 3.29 -24.96
C MET A 240 -6.11 3.30 -23.43
N LEU A 241 -6.66 2.26 -22.82
CA LEU A 241 -6.71 2.18 -21.37
C LEU A 241 -5.38 1.73 -20.80
N ASN A 242 -4.68 2.66 -20.16
CA ASN A 242 -3.38 2.35 -19.56
C ASN A 242 -3.08 3.23 -18.35
N GLY A 243 -2.48 2.65 -17.33
CA GLY A 243 -2.00 3.40 -16.17
C GLY A 243 -3.09 3.94 -15.28
N GLU A 244 -4.27 3.32 -15.33
CA GLU A 244 -5.44 3.86 -14.69
C GLU A 244 -6.11 2.86 -13.77
N VAL A 245 -6.78 3.39 -12.75
CA VAL A 245 -7.59 2.59 -11.84
C VAL A 245 -9.05 2.86 -12.17
N ILE A 246 -9.84 1.82 -12.36
CA ILE A 246 -11.27 1.97 -12.64
C ILE A 246 -12.07 1.41 -11.45
N ARG A 247 -12.77 2.31 -10.74
CA ARG A 247 -13.64 1.87 -9.66
C ARG A 247 -14.91 1.24 -10.26
N LEU A 248 -15.27 0.06 -9.77
CA LEU A 248 -16.43 -0.65 -10.23
C LEU A 248 -17.25 -0.95 -8.99
N ASP A 249 -18.11 -0.01 -8.60
CA ASP A 249 -18.66 -0.02 -7.24
C ASP A 249 -20.00 0.66 -7.02
N GLY A 250 -20.76 0.98 -8.08
CA GLY A 250 -22.10 1.54 -7.88
C GLY A 250 -22.12 2.87 -7.14
N ALA A 251 -20.99 3.59 -7.21
CA ALA A 251 -20.79 4.88 -6.53
C ALA A 251 -20.74 4.79 -5.01
N ILE A 252 -20.41 3.62 -4.46
CA ILE A 252 -20.31 3.47 -3.00
C ILE A 252 -19.11 4.22 -2.42
N ASP B 9 1.75 16.69 29.27
CA ASP B 9 3.15 16.30 28.93
C ASP B 9 3.89 17.35 28.10
N ALA B 10 3.45 17.66 26.87
CA ALA B 10 2.87 16.69 25.93
C ALA B 10 4.08 15.96 25.34
N VAL B 11 3.94 14.67 25.12
CA VAL B 11 5.03 13.88 24.58
C VAL B 11 4.70 13.50 23.16
N ALA B 12 5.70 13.54 22.30
CA ALA B 12 5.61 13.07 20.94
C ALA B 12 6.51 11.86 20.77
N VAL B 13 6.10 10.95 19.90
CA VAL B 13 6.98 9.92 19.42
C VAL B 13 7.26 10.21 17.95
N VAL B 14 8.53 10.37 17.60
CA VAL B 14 8.97 10.52 16.19
C VAL B 14 9.80 9.31 15.77
N THR B 15 9.22 8.49 14.91
CA THR B 15 9.94 7.34 14.34
C THR B 15 10.89 7.86 13.27
N GLY B 16 12.03 7.21 13.15
CA GLY B 16 13.12 7.74 12.31
C GLY B 16 13.59 9.10 12.80
N GLY B 17 13.37 9.40 14.08
CA GLY B 17 13.63 10.74 14.63
C GLY B 17 15.08 11.19 14.75
N ALA B 18 16.03 10.27 14.56
CA ALA B 18 17.46 10.59 14.71
C ALA B 18 18.14 11.09 13.44
N SER B 19 17.41 11.19 12.33
CA SER B 19 17.98 11.74 11.08
C SER B 19 16.91 12.34 10.15
N GLY B 20 17.38 13.13 9.17
CA GLY B 20 16.51 13.62 8.09
C GLY B 20 15.24 14.28 8.55
N LEU B 21 14.13 13.89 7.94
CA LEU B 21 12.82 14.46 8.25
C LEU B 21 12.46 14.31 9.71
N GLY B 22 12.73 13.14 10.25
CA GLY B 22 12.44 12.88 11.66
C GLY B 22 13.19 13.76 12.64
N LEU B 23 14.48 13.98 12.39
CA LEU B 23 15.28 14.83 13.25
C LEU B 23 14.77 16.26 13.19
N ALA B 24 14.53 16.75 11.98
CA ALA B 24 14.04 18.12 11.83
C ALA B 24 12.71 18.32 12.56
N THR B 25 11.87 17.29 12.54
CA THR B 25 10.59 17.30 13.25
C THR B 25 10.80 17.28 14.78
N THR B 26 11.64 16.37 15.26
CA THR B 26 12.02 16.35 16.66
C THR B 26 12.48 17.74 17.15
N LYS B 27 13.39 18.36 16.44
CA LYS B 27 13.87 19.70 16.85
C LYS B 27 12.73 20.74 16.87
N ARG B 28 11.88 20.75 15.85
CA ARG B 28 10.73 21.66 15.82
C ARG B 28 9.80 21.42 17.01
N LEU B 29 9.57 20.15 17.33
CA LEU B 29 8.72 19.80 18.49
C LEU B 29 9.31 20.24 19.83
N LEU B 30 10.62 20.04 19.99
CA LEU B 30 11.30 20.50 21.22
C LEU B 30 11.18 22.02 21.35
N ASP B 31 11.40 22.72 20.22
CA ASP B 31 11.26 24.19 20.18
C ASP B 31 9.85 24.63 20.53
N ALA B 32 8.86 23.80 20.18
CA ALA B 32 7.48 24.09 20.48
C ALA B 32 7.12 23.68 21.92
N GLY B 33 8.06 23.10 22.66
CA GLY B 33 7.86 22.83 24.09
C GLY B 33 7.43 21.40 24.46
N ALA B 34 7.27 20.53 23.45
CA ALA B 34 6.92 19.13 23.71
C ALA B 34 8.15 18.38 24.16
N GLN B 35 7.96 17.25 24.84
CA GLN B 35 9.03 16.27 24.99
C GLN B 35 8.92 15.27 23.85
N VAL B 36 10.05 14.70 23.46
CA VAL B 36 10.07 13.79 22.32
C VAL B 36 10.81 12.48 22.62
N VAL B 37 10.16 11.34 22.34
CA VAL B 37 10.84 10.05 22.20
C VAL B 37 11.20 9.82 20.75
N VAL B 38 12.51 9.72 20.48
CA VAL B 38 13.01 9.37 19.17
C VAL B 38 13.05 7.85 19.10
N LEU B 39 12.18 7.30 18.26
CA LEU B 39 12.07 5.86 18.06
C LEU B 39 12.87 5.56 16.80
N ASP B 40 14.00 4.88 16.95
CA ASP B 40 14.88 4.66 15.81
C ASP B 40 15.84 3.49 16.07
N ILE B 41 16.61 3.14 15.04
CA ILE B 41 17.49 1.98 15.13
C ILE B 41 18.97 2.33 15.35
N ARG B 42 19.25 3.63 15.36
CA ARG B 42 20.55 4.17 15.68
C ARG B 42 20.41 5.68 15.86
N GLY B 43 21.52 6.37 16.11
CA GLY B 43 21.51 7.84 16.35
C GLY B 43 21.33 8.23 17.81
N GLU B 44 21.60 7.30 18.73
CA GLU B 44 21.55 7.59 20.16
C GLU B 44 22.41 8.83 20.53
N ASP B 45 23.56 8.98 19.88
CA ASP B 45 24.45 10.13 20.15
C ASP B 45 23.79 11.46 19.76
N VAL B 46 23.14 11.48 18.60
CA VAL B 46 22.46 12.68 18.10
C VAL B 46 21.36 13.11 19.09
N VAL B 47 20.60 12.14 19.56
CA VAL B 47 19.53 12.39 20.51
C VAL B 47 20.03 12.80 21.92
N ALA B 48 21.11 12.18 22.38
CA ALA B 48 21.80 12.63 23.59
C ALA B 48 22.11 14.15 23.53
N ASP B 49 22.62 14.62 22.39
CA ASP B 49 23.03 16.02 22.22
C ASP B 49 21.88 17.02 22.29
N LEU B 50 20.66 16.54 22.05
CA LEU B 50 19.47 17.40 22.09
C LEU B 50 19.03 17.75 23.52
N GLY B 51 19.60 17.06 24.49
CA GLY B 51 19.24 17.25 25.89
C GLY B 51 18.10 16.35 26.36
N ASP B 52 17.80 16.44 27.65
CA ASP B 52 16.99 15.40 28.28
C ASP B 52 15.48 15.52 28.03
N ARG B 53 15.03 16.52 27.28
CA ARG B 53 13.64 16.54 26.82
C ARG B 53 13.40 15.69 25.55
N ALA B 54 14.48 15.20 24.95
CA ALA B 54 14.42 14.18 23.91
C ALA B 54 15.05 12.92 24.49
N ARG B 55 14.40 11.79 24.29
CA ARG B 55 14.89 10.51 24.77
C ARG B 55 14.88 9.51 23.62
N PHE B 56 15.85 8.60 23.67
CA PHE B 56 16.02 7.63 22.60
C PHE B 56 15.40 6.29 23.01
N ALA B 57 14.62 5.70 22.12
CA ALA B 57 14.12 4.32 22.27
C ALA B 57 14.55 3.50 21.06
N ALA B 58 15.39 2.49 21.30
CA ALA B 58 15.88 1.64 20.23
C ALA B 58 14.74 0.69 19.81
N ALA B 59 14.28 0.84 18.58
CA ALA B 59 13.18 0.01 18.11
C ALA B 59 13.07 -0.02 16.61
N ASP B 60 12.84 -1.22 16.09
CA ASP B 60 12.38 -1.34 14.73
C ASP B 60 10.86 -1.23 14.74
N VAL B 61 10.33 -0.36 13.88
CA VAL B 61 8.87 -0.14 13.78
C VAL B 61 8.05 -1.34 13.32
N THR B 62 8.70 -2.34 12.74
CA THR B 62 8.03 -3.57 12.33
C THR B 62 7.89 -4.55 13.50
N ASP B 63 8.46 -4.20 14.65
CA ASP B 63 8.51 -5.08 15.84
C ASP B 63 7.60 -4.49 16.92
N GLU B 64 6.46 -5.13 17.09
CA GLU B 64 5.42 -4.71 18.02
CA GLU B 64 5.42 -4.76 18.08
C GLU B 64 5.89 -4.51 19.48
N ALA B 65 6.68 -5.46 19.97
CA ALA B 65 7.18 -5.42 21.33
C ALA B 65 8.13 -4.26 21.52
N ALA B 66 9.00 -4.05 20.53
CA ALA B 66 9.91 -2.93 20.52
C ALA B 66 9.16 -1.59 20.51
N VAL B 67 8.16 -1.47 19.64
CA VAL B 67 7.38 -0.23 19.59
C VAL B 67 6.68 0.02 20.92
N ALA B 68 6.06 -1.02 21.49
CA ALA B 68 5.36 -0.89 22.74
C ALA B 68 6.29 -0.37 23.83
N SER B 69 7.53 -0.83 23.85
CA SER B 69 8.47 -0.38 24.88
CA SER B 69 8.53 -0.40 24.83
C SER B 69 8.86 1.09 24.68
N ALA B 70 8.89 1.57 23.44
CA ALA B 70 9.16 2.97 23.17
C ALA B 70 7.99 3.84 23.64
N LEU B 71 6.77 3.35 23.44
CA LEU B 71 5.60 4.07 23.93
C LEU B 71 5.58 4.09 25.45
N ASP B 72 6.02 3.01 26.09
CA ASP B 72 6.16 2.98 27.52
C ASP B 72 7.09 4.09 28.00
N LEU B 73 8.23 4.28 27.31
CA LEU B 73 9.18 5.33 27.66
C LEU B 73 8.48 6.69 27.55
N ALA B 74 7.74 6.91 26.47
CA ALA B 74 7.03 8.17 26.28
C ALA B 74 6.11 8.46 27.47
N GLU B 75 5.38 7.42 27.91
N GLU B 75 5.39 7.43 27.93
CA GLU B 75 4.44 7.54 29.03
CA GLU B 75 4.42 7.61 29.00
C GLU B 75 5.11 7.95 30.34
C GLU B 75 5.06 7.83 30.38
N THR B 76 6.34 7.51 30.54
CA THR B 76 7.09 7.87 31.77
C THR B 76 7.45 9.36 31.76
N MET B 77 7.49 9.96 30.57
CA MET B 77 7.92 11.34 30.42
C MET B 77 6.78 12.35 30.60
N GLY B 78 5.55 11.91 30.34
CA GLY B 78 4.41 12.80 30.34
C GLY B 78 3.27 12.12 29.60
N THR B 79 2.33 12.92 29.11
CA THR B 79 1.15 12.44 28.40
C THR B 79 1.40 12.33 26.91
N LEU B 80 1.30 11.10 26.40
CA LEU B 80 1.48 10.85 24.97
C LEU B 80 0.32 11.41 24.16
N ARG B 81 0.63 12.34 23.25
CA ARG B 81 -0.40 12.94 22.39
C ARG B 81 -0.06 12.99 20.90
N ILE B 82 1.21 12.87 20.56
CA ILE B 82 1.63 13.12 19.19
C ILE B 82 2.50 11.97 18.66
N VAL B 83 2.22 11.55 17.43
CA VAL B 83 3.10 10.61 16.72
C VAL B 83 3.41 11.16 15.36
N VAL B 84 4.68 11.09 14.98
CA VAL B 84 5.05 11.38 13.60
C VAL B 84 5.86 10.19 13.08
N ASN B 85 5.27 9.50 12.11
CA ASN B 85 5.96 8.38 11.42
C ASN B 85 6.91 8.90 10.33
N CYS B 86 8.20 8.91 10.61
CA CYS B 86 9.20 9.28 9.62
C CYS B 86 10.22 8.16 9.35
N ALA B 87 10.01 6.97 9.87
CA ALA B 87 10.95 5.87 9.62
C ALA B 87 10.84 5.43 8.19
N GLY B 88 11.98 5.28 7.53
CA GLY B 88 11.99 4.88 6.14
C GLY B 88 13.11 3.88 5.97
N THR B 89 13.31 3.38 4.76
CA THR B 89 14.38 2.42 4.52
C THR B 89 14.85 2.48 3.07
N GLY B 90 16.16 2.30 2.91
CA GLY B 90 16.75 2.16 1.59
C GLY B 90 17.24 3.48 1.07
N ASN B 91 18.54 3.57 0.81
CA ASN B 91 19.10 4.73 0.10
C ASN B 91 18.67 4.70 -1.35
N ALA B 92 18.48 5.89 -1.93
CA ALA B 92 18.17 5.96 -3.35
C ALA B 92 19.38 5.53 -4.18
N ILE B 93 19.24 4.42 -4.91
CA ILE B 93 20.32 3.91 -5.74
C ILE B 93 19.82 3.64 -7.17
N ARG B 94 20.73 3.79 -8.14
CA ARG B 94 20.41 3.66 -9.56
C ARG B 94 20.38 2.20 -10.02
N SER B 103 14.17 -7.74 -6.58
CA SER B 103 14.22 -8.60 -5.39
C SER B 103 12.90 -8.53 -4.62
N LEU B 104 12.27 -9.69 -4.44
CA LEU B 104 11.01 -9.75 -3.74
C LEU B 104 11.27 -9.45 -2.25
N ALA B 105 12.39 -9.94 -1.74
CA ALA B 105 12.81 -9.67 -0.37
C ALA B 105 12.99 -8.17 -0.13
N ALA B 106 13.55 -7.48 -1.12
CA ALA B 106 13.75 -6.02 -1.03
C ALA B 106 12.41 -5.28 -1.09
N PHE B 107 11.50 -5.73 -1.97
CA PHE B 107 10.16 -5.15 -2.07
C PHE B 107 9.47 -5.28 -0.71
N ARG B 108 9.56 -6.48 -0.14
CA ARG B 108 8.90 -6.78 1.13
C ARG B 108 9.43 -5.91 2.28
N LYS B 109 10.74 -5.69 2.29
CA LYS B 109 11.37 -4.88 3.35
C LYS B 109 10.90 -3.43 3.34
N ILE B 110 10.83 -2.84 2.15
CA ILE B 110 10.33 -1.48 2.02
C ILE B 110 8.85 -1.37 2.46
N VAL B 111 8.04 -2.32 2.01
CA VAL B 111 6.63 -2.32 2.39
C VAL B 111 6.49 -2.54 3.91
N ASP B 112 7.30 -3.45 4.44
CA ASP B 112 7.23 -3.76 5.87
C ASP B 112 7.58 -2.53 6.73
N ILE B 113 8.69 -1.87 6.40
CA ILE B 113 9.11 -0.71 7.19
C ILE B 113 8.21 0.53 6.95
N ASN B 114 7.98 0.89 5.68
CA ASN B 114 7.30 2.16 5.37
C ASN B 114 5.79 2.09 5.59
N LEU B 115 5.17 0.95 5.32
CA LEU B 115 3.73 0.82 5.45
C LEU B 115 3.32 0.08 6.71
N VAL B 116 3.78 -1.15 6.87
CA VAL B 116 3.37 -1.95 8.03
C VAL B 116 3.85 -1.31 9.35
N GLY B 117 5.09 -0.85 9.37
CA GLY B 117 5.63 -0.14 10.52
C GLY B 117 4.84 1.08 10.92
N SER B 118 4.45 1.87 9.93
CA SER B 118 3.62 3.04 10.20
C SER B 118 2.27 2.64 10.79
N PHE B 119 1.63 1.59 10.24
CA PHE B 119 0.41 1.10 10.85
C PHE B 119 0.62 0.60 12.28
N ASN B 120 1.69 -0.16 12.49
N ASN B 120 1.68 -0.17 12.50
CA ASN B 120 2.00 -0.70 13.82
CA ASN B 120 1.98 -0.68 13.85
C ASN B 120 2.09 0.42 14.87
C ASN B 120 2.04 0.45 14.87
N VAL B 121 2.87 1.45 14.55
CA VAL B 121 3.08 2.56 15.45
C VAL B 121 1.77 3.35 15.67
N LEU B 122 1.06 3.62 14.58
CA LEU B 122 -0.22 4.32 14.63
C LEU B 122 -1.21 3.57 15.53
N ARG B 123 -1.39 2.28 15.30
CA ARG B 123 -2.40 1.52 16.06
C ARG B 123 -2.05 1.43 17.55
N LEU B 124 -0.80 1.09 17.82
CA LEU B 124 -0.37 0.96 19.21
C LEU B 124 -0.43 2.32 19.93
N ALA B 125 0.03 3.39 19.28
CA ALA B 125 -0.06 4.72 19.87
C ALA B 125 -1.49 5.21 20.09
N ALA B 126 -2.35 5.00 19.11
CA ALA B 126 -3.76 5.41 19.19
C ALA B 126 -4.44 4.86 20.44
N GLU B 127 -4.15 3.60 20.77
CA GLU B 127 -4.70 2.90 21.90
C GLU B 127 -4.40 3.64 23.21
N ARG B 128 -3.18 4.14 23.30
CA ARG B 128 -2.77 4.89 24.48
C ARG B 128 -3.26 6.33 24.48
N ILE B 129 -3.16 7.00 23.35
CA ILE B 129 -3.61 8.38 23.25
C ILE B 129 -5.10 8.47 23.57
N ALA B 130 -5.86 7.45 23.17
CA ALA B 130 -7.31 7.41 23.37
C ALA B 130 -7.71 7.44 24.84
N LYS B 131 -6.78 7.01 25.70
CA LYS B 131 -7.03 6.88 27.13
C LYS B 131 -6.75 8.19 27.88
N THR B 132 -6.17 9.18 27.20
CA THR B 132 -5.82 10.46 27.83
C THR B 132 -7.04 11.38 27.99
N GLU B 133 -6.90 12.39 28.84
CA GLU B 133 -7.93 13.43 28.95
C GLU B 133 -7.73 14.36 27.78
N PRO B 134 -8.84 14.78 27.15
CA PRO B 134 -8.72 15.77 26.10
C PRO B 134 -8.18 17.10 26.63
N VAL B 135 -7.54 17.83 25.73
CA VAL B 135 -7.00 19.12 26.07
C VAL B 135 -7.52 20.14 25.07
N ASN B 138 -10.94 23.88 23.68
CA ASN B 138 -11.78 23.55 24.83
C ASN B 138 -12.10 22.05 24.89
N ALA B 139 -11.20 21.29 25.51
CA ALA B 139 -11.37 19.84 25.72
C ALA B 139 -11.72 19.10 24.43
N GLU B 140 -11.17 19.58 23.33
CA GLU B 140 -11.55 19.09 22.01
C GLU B 140 -10.69 17.94 21.52
N GLU B 141 -9.40 17.95 21.85
CA GLU B 141 -8.44 17.03 21.19
C GLU B 141 -7.72 16.12 22.18
N ARG B 142 -7.51 14.86 21.83
CA ARG B 142 -6.60 14.01 22.59
C ARG B 142 -5.21 13.94 21.99
N GLY B 143 -5.13 13.92 20.67
CA GLY B 143 -3.84 13.83 19.99
C GLY B 143 -3.93 13.83 18.48
N VAL B 144 -2.76 13.68 17.88
CA VAL B 144 -2.59 13.78 16.44
C VAL B 144 -1.50 12.81 16.00
N ILE B 145 -1.82 12.04 14.96
CA ILE B 145 -0.89 11.09 14.37
C ILE B 145 -0.65 11.51 12.93
N ILE B 146 0.62 11.72 12.60
CA ILE B 146 1.05 12.16 11.28
C ILE B 146 1.92 11.10 10.63
N ASN B 147 1.55 10.71 9.42
CA ASN B 147 2.29 9.74 8.60
C ASN B 147 3.09 10.44 7.52
N THR B 148 4.09 9.74 6.99
CA THR B 148 4.85 10.22 5.87
C THR B 148 4.67 9.22 4.70
N ALA B 149 4.17 9.73 3.58
CA ALA B 149 3.99 8.96 2.36
C ALA B 149 5.15 9.29 1.41
N SER B 150 6.14 8.40 1.32
CA SER B 150 7.40 8.73 0.63
C SER B 150 7.46 8.08 -0.74
N VAL B 151 7.98 8.81 -1.73
CA VAL B 151 8.16 8.26 -3.08
C VAL B 151 9.60 8.05 -3.43
N ALA B 152 9.81 7.35 -4.54
CA ALA B 152 11.10 7.24 -5.17
C ALA B 152 11.57 8.64 -5.55
N ALA B 153 12.88 8.86 -5.42
CA ALA B 153 13.51 10.11 -5.82
C ALA B 153 13.58 10.34 -7.35
N PHE B 154 13.72 9.28 -8.13
CA PHE B 154 13.84 9.43 -9.61
C PHE B 154 13.36 8.19 -10.37
N ASP B 155 13.09 8.37 -11.67
CA ASP B 155 12.64 7.28 -12.53
C ASP B 155 13.76 6.27 -12.77
N GLY B 156 13.42 4.98 -12.68
CA GLY B 156 14.41 3.91 -12.79
C GLY B 156 15.21 3.74 -11.51
N GLN B 157 14.70 4.33 -10.42
CA GLN B 157 15.31 4.15 -9.13
C GLN B 157 15.01 2.73 -8.73
N ILE B 158 16.00 2.03 -8.19
CA ILE B 158 15.77 0.68 -7.74
C ILE B 158 14.67 0.69 -6.68
N GLY B 159 13.70 -0.20 -6.83
CA GLY B 159 12.67 -0.38 -5.82
C GLY B 159 11.53 0.61 -5.95
N GLN B 160 11.47 1.33 -7.06
CA GLN B 160 10.40 2.32 -7.28
C GLN B 160 9.00 1.76 -7.01
N ALA B 161 8.69 0.58 -7.56
CA ALA B 161 7.36 0.00 -7.37
C ALA B 161 7.05 -0.18 -5.87
N ALA B 162 8.06 -0.56 -5.08
CA ALA B 162 7.84 -0.74 -3.63
C ALA B 162 7.57 0.57 -2.90
N TYR B 163 8.29 1.62 -3.28
CA TYR B 163 8.03 2.93 -2.70
C TYR B 163 6.66 3.44 -3.13
N SER B 164 6.30 3.23 -4.39
CA SER B 164 4.96 3.62 -4.85
C SER B 164 3.86 2.84 -4.12
N ALA B 165 4.07 1.54 -3.95
CA ALA B 165 3.12 0.71 -3.19
C ALA B 165 2.99 1.17 -1.74
N SER B 166 4.11 1.37 -1.06
CA SER B 166 4.03 1.75 0.36
C SER B 166 3.47 3.17 0.55
N LYS B 167 3.83 4.10 -0.34
CA LYS B 167 3.19 5.43 -0.42
C LYS B 167 1.68 5.34 -0.58
N GLY B 168 1.24 4.61 -1.60
CA GLY B 168 -0.18 4.46 -1.89
C GLY B 168 -0.94 3.89 -0.71
N GLY B 169 -0.28 2.98 -0.01
CA GLY B 169 -0.85 2.31 1.15
C GLY B 169 -1.08 3.28 2.32
N VAL B 170 -0.09 4.12 2.56
CA VAL B 170 -0.15 5.13 3.60
C VAL B 170 -1.22 6.15 3.23
N VAL B 171 -1.21 6.65 1.99
CA VAL B 171 -2.26 7.54 1.52
C VAL B 171 -3.64 6.88 1.69
N GLY B 172 -3.78 5.63 1.26
CA GLY B 172 -5.07 4.97 1.27
C GLY B 172 -5.66 4.80 2.66
N MET B 173 -4.81 4.60 3.64
CA MET B 173 -5.33 4.37 4.98
C MET B 173 -5.62 5.64 5.76
N THR B 174 -5.26 6.80 5.22
CA THR B 174 -5.31 8.03 6.00
C THR B 174 -6.73 8.43 6.37
N LEU B 175 -7.60 8.57 5.36
CA LEU B 175 -8.97 9.01 5.63
C LEU B 175 -9.78 7.97 6.44
N PRO B 176 -9.74 6.68 6.04
CA PRO B 176 -10.45 5.66 6.80
C PRO B 176 -10.06 5.58 8.27
N ILE B 177 -8.76 5.65 8.54
CA ILE B 177 -8.30 5.64 9.92
C ILE B 177 -8.71 6.92 10.66
N ALA B 178 -8.58 8.08 10.03
CA ALA B 178 -9.10 9.31 10.64
C ALA B 178 -10.55 9.18 11.05
N ARG B 179 -11.36 8.61 10.17
CA ARG B 179 -12.78 8.43 10.47
C ARG B 179 -13.02 7.44 11.62
N ASP B 180 -12.24 6.36 11.68
CA ASP B 180 -12.36 5.40 12.78
C ASP B 180 -11.85 5.95 14.12
N LEU B 181 -10.91 6.87 14.09
CA LEU B 181 -10.38 7.48 15.32
C LEU B 181 -11.08 8.78 15.77
N ALA B 182 -11.99 9.29 14.93
CA ALA B 182 -12.73 10.52 15.25
C ALA B 182 -13.41 10.48 16.63
N SER B 183 -14.08 9.39 16.94
CA SER B 183 -14.78 9.27 18.22
C SER B 183 -13.83 9.33 19.43
N HIS B 184 -12.54 9.10 19.19
CA HIS B 184 -11.48 9.18 20.19
C HIS B 184 -10.75 10.50 20.23
N ARG B 185 -11.13 11.40 19.34
CA ARG B 185 -10.54 12.74 19.28
C ARG B 185 -9.05 12.67 18.96
N ILE B 186 -8.71 11.78 18.02
CA ILE B 186 -7.35 11.69 17.49
C ILE B 186 -7.37 11.94 15.99
N ARG B 187 -6.70 13.01 15.57
CA ARG B 187 -6.61 13.31 14.15
C ARG B 187 -5.53 12.47 13.49
N VAL B 188 -5.72 12.19 12.21
CA VAL B 188 -4.77 11.39 11.47
C VAL B 188 -4.53 12.13 10.18
N MET B 189 -3.28 12.45 9.93
CA MET B 189 -2.87 13.22 8.76
C MET B 189 -1.64 12.59 8.11
N THR B 190 -1.39 12.96 6.86
CA THR B 190 -0.23 12.45 6.15
C THR B 190 0.47 13.56 5.35
N ILE B 191 1.79 13.58 5.42
CA ILE B 191 2.58 14.46 4.58
C ILE B 191 3.21 13.60 3.50
N ALA B 192 3.09 14.05 2.25
CA ALA B 192 3.72 13.39 1.11
C ALA B 192 4.87 14.25 0.57
N PRO B 193 6.09 14.03 1.08
CA PRO B 193 7.17 14.89 0.63
C PRO B 193 7.66 14.55 -0.77
N GLY B 194 8.18 15.56 -1.45
CA GLY B 194 8.93 15.34 -2.69
C GLY B 194 10.38 15.10 -2.34
N LEU B 195 11.28 15.73 -3.09
CA LEU B 195 12.70 15.46 -3.00
C LEU B 195 13.27 16.31 -1.91
N PHE B 196 13.74 15.67 -0.84
CA PHE B 196 14.32 16.34 0.32
C PHE B 196 15.78 15.95 0.53
N ASP B 197 16.54 16.92 1.03
CA ASP B 197 17.94 16.75 1.36
C ASP B 197 18.08 15.96 2.64
N THR B 198 18.17 14.64 2.51
CA THR B 198 18.36 13.79 3.67
C THR B 198 19.45 12.78 3.36
N PRO B 199 19.89 12.04 4.38
CA PRO B 199 20.89 11.02 4.08
C PRO B 199 20.42 9.91 3.11
N LEU B 200 19.11 9.76 2.88
CA LEU B 200 18.63 8.77 1.90
C LEU B 200 19.12 9.04 0.46
N LEU B 201 19.53 10.29 0.19
CA LEU B 201 20.11 10.68 -1.10
C LEU B 201 21.64 10.62 -1.09
N ALA B 202 22.24 10.32 0.05
CA ALA B 202 23.71 10.41 0.20
C ALA B 202 24.54 9.44 -0.65
N SER B 203 23.92 8.37 -1.17
CA SER B 203 24.62 7.43 -2.05
C SER B 203 24.76 7.92 -3.51
N LEU B 204 24.00 8.95 -3.87
CA LEU B 204 24.13 9.60 -5.17
C LEU B 204 25.23 10.67 -5.09
N PRO B 205 26.03 10.85 -6.15
CA PRO B 205 27.04 11.91 -6.09
C PRO B 205 26.39 13.31 -6.07
N GLU B 206 27.13 14.31 -5.56
CA GLU B 206 26.58 15.66 -5.31
C GLU B 206 25.85 16.26 -6.50
N GLU B 207 26.51 16.28 -7.65
CA GLU B 207 25.96 16.86 -8.88
C GLU B 207 24.68 16.16 -9.33
N ALA B 208 24.55 14.88 -8.97
CA ALA B 208 23.31 14.13 -9.21
C ALA B 208 22.17 14.69 -8.35
N ARG B 209 22.47 14.98 -7.09
CA ARG B 209 21.46 15.54 -6.18
C ARG B 209 21.07 16.95 -6.61
N ALA B 210 22.08 17.73 -7.04
CA ALA B 210 21.83 19.07 -7.57
C ALA B 210 20.94 19.02 -8.82
N SER B 211 21.22 18.09 -9.72
CA SER B 211 20.39 17.86 -10.90
C SER B 211 18.94 17.50 -10.53
N LEU B 212 18.77 16.63 -9.53
CA LEU B 212 17.41 16.27 -9.07
C LEU B 212 16.67 17.51 -8.56
N GLY B 213 17.36 18.31 -7.77
CA GLY B 213 16.76 19.53 -7.20
C GLY B 213 16.28 20.48 -8.26
N LYS B 214 17.05 20.60 -9.35
CA LYS B 214 16.68 21.50 -10.44
C LYS B 214 15.46 21.02 -11.26
N GLN B 215 15.12 19.73 -11.18
CA GLN B 215 13.89 19.20 -11.76
C GLN B 215 12.60 19.61 -11.03
N VAL B 216 12.73 20.13 -9.82
CA VAL B 216 11.57 20.52 -9.03
C VAL B 216 11.10 21.88 -9.56
N PRO B 217 9.80 22.02 -9.90
CA PRO B 217 9.44 23.29 -10.58
C PRO B 217 9.73 24.54 -9.74
N HIS B 218 9.22 24.62 -8.53
CA HIS B 218 9.48 25.79 -7.70
C HIS B 218 9.10 25.55 -6.27
N PRO B 219 10.05 25.70 -5.34
CA PRO B 219 11.47 26.09 -5.53
C PRO B 219 12.29 25.00 -6.19
N SER B 220 13.19 25.37 -7.08
CA SER B 220 13.98 24.37 -7.82
C SER B 220 15.19 24.01 -7.03
N ARG B 221 14.98 23.27 -5.97
CA ARG B 221 16.06 22.75 -5.15
C ARG B 221 15.48 21.65 -4.30
N LEU B 222 16.36 20.98 -3.55
CA LEU B 222 15.93 19.98 -2.61
C LEU B 222 15.22 20.66 -1.43
N GLY B 223 14.18 20.01 -0.91
CA GLY B 223 13.54 20.48 0.29
C GLY B 223 14.48 20.39 1.48
N ASN B 224 14.34 21.34 2.40
CA ASN B 224 15.07 21.34 3.68
C ASN B 224 14.19 20.59 4.67
N PRO B 225 14.78 19.61 5.40
CA PRO B 225 13.98 18.86 6.36
C PRO B 225 13.20 19.76 7.33
N ASP B 226 13.73 20.95 7.63
CA ASP B 226 13.01 21.87 8.54
C ASP B 226 11.64 22.27 7.98
N GLU B 227 11.50 22.26 6.66
CA GLU B 227 10.25 22.63 6.01
C GLU B 227 9.21 21.55 6.24
N TYR B 228 9.66 20.29 6.27
CA TYR B 228 8.77 19.20 6.67
C TYR B 228 8.36 19.37 8.14
N GLY B 229 9.35 19.64 8.99
CA GLY B 229 9.11 19.76 10.44
C GLY B 229 8.14 20.90 10.71
N ALA B 230 8.28 21.97 9.96
CA ALA B 230 7.38 23.13 10.15
C ALA B 230 5.93 22.78 9.80
N LEU B 231 5.75 22.04 8.71
CA LEU B 231 4.41 21.59 8.33
C LEU B 231 3.83 20.65 9.41
N ALA B 232 4.64 19.74 9.94
CA ALA B 232 4.16 18.80 10.96
C ALA B 232 3.62 19.54 12.17
N VAL B 233 4.37 20.56 12.58
CA VAL B 233 3.95 21.41 13.71
C VAL B 233 2.69 22.18 13.37
N HIS B 234 2.59 22.70 12.15
CA HIS B 234 1.37 23.38 11.77
C HIS B 234 0.17 22.45 11.85
N ILE B 235 0.33 21.21 11.37
CA ILE B 235 -0.74 20.24 11.41
C ILE B 235 -1.16 20.00 12.87
N ILE B 236 -0.19 19.84 13.75
CA ILE B 236 -0.49 19.65 15.18
C ILE B 236 -1.25 20.84 15.75
N GLU B 237 -0.89 22.05 15.30
CA GLU B 237 -1.48 23.28 15.81
C GLU B 237 -2.77 23.71 15.13
N ASN B 238 -3.18 23.00 14.07
CA ASN B 238 -4.42 23.35 13.34
C ASN B 238 -5.48 22.28 13.52
N PRO B 239 -6.43 22.51 14.44
CA PRO B 239 -7.39 21.43 14.76
C PRO B 239 -8.26 20.95 13.59
N MET B 240 -8.45 21.78 12.55
CA MET B 240 -9.32 21.39 11.44
C MET B 240 -8.66 20.49 10.39
N LEU B 241 -7.36 20.27 10.49
CA LEU B 241 -6.70 19.41 9.52
C LEU B 241 -6.85 17.95 9.94
N ASN B 242 -7.70 17.22 9.25
CA ASN B 242 -7.88 15.80 9.55
C ASN B 242 -8.21 15.00 8.30
N GLY B 243 -7.69 13.77 8.26
CA GLY B 243 -8.00 12.82 7.19
C GLY B 243 -7.47 13.18 5.82
N GLU B 244 -6.42 14.00 5.79
CA GLU B 244 -5.94 14.58 4.55
C GLU B 244 -4.46 14.25 4.30
N VAL B 245 -4.10 14.17 3.03
CA VAL B 245 -2.70 14.06 2.60
C VAL B 245 -2.26 15.42 2.08
N ILE B 246 -1.13 15.93 2.57
CA ILE B 246 -0.58 17.20 2.05
C ILE B 246 0.70 16.94 1.31
N ARG B 247 0.70 17.18 0.01
CA ARG B 247 1.92 17.09 -0.77
C ARG B 247 2.83 18.28 -0.44
N LEU B 248 4.10 18.02 -0.20
CA LEU B 248 5.10 19.04 0.15
C LEU B 248 6.27 18.82 -0.80
N ASP B 249 6.16 19.38 -2.01
CA ASP B 249 7.01 18.92 -3.08
C ASP B 249 7.34 19.89 -4.20
N GLY B 250 7.13 21.19 -3.99
CA GLY B 250 7.47 22.17 -5.02
C GLY B 250 6.80 21.96 -6.37
N ALA B 251 5.63 21.31 -6.36
CA ALA B 251 4.86 21.00 -7.57
C ALA B 251 5.49 19.96 -8.49
N ILE B 252 6.41 19.15 -8.01
CA ILE B 252 7.05 18.15 -8.89
C ILE B 252 6.03 17.05 -9.25
#